data_1D8V
#
_entry.id   1D8V
#
_cell.length_a   1.000
_cell.length_b   1.000
_cell.length_c   1.000
_cell.angle_alpha   90.00
_cell.angle_beta   90.00
_cell.angle_gamma   90.00
#
_symmetry.space_group_name_H-M   'P 1'
#
_entity_poly.entity_id   1
_entity_poly.type   'polypeptide(L)'
_entity_poly.pdbx_seq_one_letter_code
;DVNFDLSTATAKTYTKFIEDFRATLPFSHKVYDIPLLYSTISDSRRFILLNLTSYAYETISVAIDVTNVYVVAYRTRDVS
YFFKESPPEAYNILFKGTRKITLPYTGNYENLQTAAHKIRENIDLGLPALSSAITTLFYYNAQSAPSALLVLIQTTAEAA
RFKYIERHVAKYVATNFKPNLAIISLENQWSALSKQIFLAQNQGGKFRNPVDLIKPTGERFQVTNVDSDVVKGNIKLLLN
SRASTADENFITTMTLLGESVVN
;
_entity_poly.pdbx_strand_id   A
#
# COMPACT_ATOMS: atom_id res chain seq x y z
N ASP A 1 9.21 10.91 1.01
CA ASP A 1 10.07 9.74 0.67
C ASP A 1 10.42 8.99 1.96
N VAL A 2 10.46 7.69 1.90
CA VAL A 2 10.81 6.89 3.12
C VAL A 2 11.92 5.90 2.77
N ASN A 3 12.71 5.48 3.72
CA ASN A 3 13.80 4.53 3.39
C ASN A 3 13.76 3.33 4.34
N PHE A 4 13.97 2.15 3.83
CA PHE A 4 13.95 0.94 4.70
C PHE A 4 15.14 0.05 4.32
N ASP A 5 16.00 -0.26 5.25
CA ASP A 5 17.17 -1.11 4.94
C ASP A 5 16.90 -2.54 5.38
N LEU A 6 16.87 -3.46 4.45
CA LEU A 6 16.61 -4.87 4.81
C LEU A 6 17.81 -5.45 5.56
N SER A 7 19.00 -5.07 5.16
CA SER A 7 20.22 -5.59 5.86
C SER A 7 20.14 -5.24 7.35
N THR A 8 19.60 -4.09 7.67
CA THR A 8 19.48 -3.71 9.11
C THR A 8 18.01 -3.75 9.52
N ALA A 9 17.20 -4.44 8.77
CA ALA A 9 15.74 -4.52 9.11
C ALA A 9 15.56 -5.15 10.49
N THR A 10 14.68 -4.60 11.29
CA THR A 10 14.43 -5.17 12.64
C THR A 10 12.99 -4.87 13.06
N ALA A 11 12.43 -5.69 13.91
CA ALA A 11 11.02 -5.45 14.35
C ALA A 11 10.85 -3.98 14.74
N LYS A 12 11.65 -3.50 15.64
CA LYS A 12 11.52 -2.08 16.07
C LYS A 12 11.72 -1.17 14.85
N THR A 13 12.66 -1.49 14.00
CA THR A 13 12.92 -0.66 12.80
C THR A 13 11.71 -0.73 11.87
N TYR A 14 11.14 -1.89 11.73
CA TYR A 14 9.96 -2.02 10.83
C TYR A 14 8.85 -1.09 11.33
N THR A 15 8.69 -1.00 12.62
CA THR A 15 7.65 -0.10 13.18
C THR A 15 7.95 1.34 12.81
N LYS A 16 9.18 1.76 12.96
CA LYS A 16 9.53 3.17 12.64
C LYS A 16 9.22 3.45 11.16
N PHE A 17 9.52 2.51 10.31
CA PHE A 17 9.26 2.72 8.85
C PHE A 17 7.77 2.96 8.60
N ILE A 18 6.92 2.16 9.17
CA ILE A 18 5.45 2.33 8.94
C ILE A 18 4.97 3.64 9.56
N GLU A 19 5.44 3.98 10.74
CA GLU A 19 4.98 5.26 11.36
C GLU A 19 5.48 6.45 10.53
N ASP A 20 6.73 6.41 10.13
CA ASP A 20 7.27 7.52 9.29
C ASP A 20 6.57 7.48 7.94
N PHE A 21 6.30 6.30 7.46
CA PHE A 21 5.64 6.15 6.14
C PHE A 21 4.26 6.84 6.16
N ARG A 22 3.46 6.57 7.15
CA ARG A 22 2.12 7.23 7.19
C ARG A 22 2.31 8.74 7.36
N ALA A 23 3.42 9.13 7.92
CA ALA A 23 3.67 10.59 8.11
C ALA A 23 4.25 11.20 6.81
N THR A 24 4.90 10.40 6.01
CA THR A 24 5.50 10.94 4.75
C THR A 24 4.42 11.55 3.85
N LEU A 25 3.37 10.84 3.59
CA LEU A 25 2.31 11.39 2.70
C LEU A 25 1.39 12.35 3.47
N PRO A 26 0.80 13.30 2.78
CA PRO A 26 -0.11 14.29 3.42
C PRO A 26 -1.31 13.65 4.13
N PHE A 27 -2.25 14.46 4.53
CA PHE A 27 -3.46 13.93 5.21
C PHE A 27 -4.65 14.81 4.84
N SER A 28 -5.68 14.23 4.27
CA SER A 28 -6.86 15.05 3.88
C SER A 28 -7.61 15.50 5.13
N HIS A 29 -7.70 14.63 6.09
CA HIS A 29 -8.41 14.97 7.35
C HIS A 29 -7.96 13.97 8.41
N LYS A 30 -8.54 14.00 9.57
CA LYS A 30 -8.11 13.02 10.61
C LYS A 30 -9.30 12.16 11.04
N VAL A 31 -9.20 10.88 10.83
CA VAL A 31 -10.31 9.96 11.21
C VAL A 31 -9.85 9.19 12.45
N TYR A 32 -10.56 9.29 13.54
CA TYR A 32 -10.12 8.57 14.77
C TYR A 32 -8.66 8.97 15.06
N ASP A 33 -8.34 10.23 14.87
CA ASP A 33 -6.96 10.70 15.12
C ASP A 33 -5.95 9.90 14.30
N ILE A 34 -6.21 9.68 13.04
CA ILE A 34 -5.24 8.93 12.20
C ILE A 34 -5.14 9.55 10.80
N PRO A 35 -3.99 9.45 10.16
CA PRO A 35 -3.82 10.02 8.80
C PRO A 35 -4.79 9.40 7.79
N LEU A 36 -4.85 9.95 6.61
CA LEU A 36 -5.77 9.41 5.58
C LEU A 36 -5.54 10.15 4.26
N LEU A 37 -5.93 9.58 3.16
CA LEU A 37 -5.72 10.30 1.86
C LEU A 37 -7.05 10.59 1.19
N TYR A 38 -7.21 11.77 0.66
CA TYR A 38 -8.47 12.11 -0.06
C TYR A 38 -8.54 11.23 -1.30
N SER A 39 -9.42 11.52 -2.22
CA SER A 39 -9.50 10.68 -3.45
C SER A 39 -8.17 10.75 -4.21
N THR A 40 -7.60 11.92 -4.34
CA THR A 40 -6.30 12.04 -5.08
C THR A 40 -5.49 13.21 -4.53
N ILE A 41 -4.19 13.06 -4.41
CA ILE A 41 -3.36 14.20 -3.89
C ILE A 41 -2.59 14.82 -5.06
N SER A 42 -1.70 15.73 -4.76
CA SER A 42 -0.92 16.38 -5.85
C SER A 42 -0.12 15.31 -6.60
N ASP A 43 -0.08 15.41 -7.90
CA ASP A 43 0.67 14.40 -8.72
C ASP A 43 2.15 14.46 -8.36
N SER A 44 2.70 15.63 -8.18
CA SER A 44 4.13 15.72 -7.83
C SER A 44 4.35 15.08 -6.46
N ARG A 45 3.35 15.14 -5.60
CA ARG A 45 3.49 14.52 -4.26
C ARG A 45 2.77 13.17 -4.25
N ARG A 46 1.93 12.93 -5.23
CA ARG A 46 1.20 11.63 -5.29
C ARG A 46 2.21 10.49 -5.40
N PHE A 47 3.24 10.70 -6.16
CA PHE A 47 4.25 9.63 -6.31
C PHE A 47 5.36 9.81 -5.27
N ILE A 48 5.54 8.86 -4.39
CA ILE A 48 6.64 8.99 -3.39
C ILE A 48 7.60 7.82 -3.62
N LEU A 49 8.86 8.00 -3.34
CA LEU A 49 9.81 6.88 -3.60
C LEU A 49 10.34 6.31 -2.29
N LEU A 50 10.60 5.03 -2.27
CA LEU A 50 11.14 4.41 -1.03
C LEU A 50 12.53 3.87 -1.33
N ASN A 51 13.52 4.24 -0.58
CA ASN A 51 14.88 3.68 -0.83
C ASN A 51 15.02 2.37 -0.07
N LEU A 52 15.03 1.28 -0.77
CA LEU A 52 15.14 -0.04 -0.09
C LEU A 52 16.52 -0.61 -0.30
N THR A 53 17.09 -1.22 0.70
CA THR A 53 18.46 -1.79 0.53
C THR A 53 18.41 -3.30 0.69
N SER A 54 18.93 -4.02 -0.26
CA SER A 54 18.93 -5.50 -0.16
C SER A 54 19.90 -5.92 0.94
N TYR A 55 19.76 -7.11 1.44
CA TYR A 55 20.68 -7.56 2.52
C TYR A 55 22.11 -7.57 1.94
N ALA A 56 22.22 -7.35 0.66
CA ALA A 56 23.56 -7.33 0.00
C ALA A 56 24.05 -5.88 -0.10
N TYR A 57 23.57 -5.03 0.77
CA TYR A 57 24.00 -3.60 0.74
C TYR A 57 23.69 -2.97 -0.63
N GLU A 58 22.80 -3.55 -1.39
CA GLU A 58 22.46 -2.96 -2.71
C GLU A 58 21.23 -2.06 -2.51
N THR A 59 21.12 -0.98 -3.23
CA THR A 59 19.97 -0.06 -3.02
C THR A 59 19.11 0.11 -4.28
N ILE A 60 17.81 0.03 -4.11
CA ILE A 60 16.87 0.22 -5.26
C ILE A 60 15.80 1.24 -4.85
N SER A 61 15.05 1.75 -5.78
CA SER A 61 14.00 2.75 -5.41
C SER A 61 12.61 2.23 -5.80
N VAL A 62 11.63 2.46 -4.96
CA VAL A 62 10.24 1.98 -5.27
C VAL A 62 9.28 3.16 -5.30
N ALA A 63 8.49 3.27 -6.34
CA ALA A 63 7.52 4.39 -6.42
C ALA A 63 6.10 3.88 -6.15
N ILE A 64 5.35 4.56 -5.33
CA ILE A 64 3.97 4.08 -5.00
C ILE A 64 2.98 5.25 -5.00
N ASP A 65 1.71 4.96 -5.13
CA ASP A 65 0.68 6.03 -5.11
C ASP A 65 0.35 6.36 -3.65
N VAL A 66 0.33 7.62 -3.31
CA VAL A 66 0.06 8.01 -1.89
C VAL A 66 -1.32 7.52 -1.39
N THR A 67 -2.33 7.66 -2.19
CA THR A 67 -3.71 7.26 -1.74
C THR A 67 -3.77 5.78 -1.34
N ASN A 68 -3.99 4.90 -2.28
CA ASN A 68 -4.09 3.45 -1.94
C ASN A 68 -2.73 2.91 -1.51
N VAL A 69 -1.69 3.68 -1.69
CA VAL A 69 -0.35 3.18 -1.28
C VAL A 69 -0.02 1.85 -1.96
N TYR A 70 -0.08 1.81 -3.27
CA TYR A 70 0.26 0.54 -3.97
C TYR A 70 1.42 0.82 -4.93
N VAL A 71 2.36 -0.08 -5.03
CA VAL A 71 3.53 0.17 -5.92
C VAL A 71 3.09 0.19 -7.38
N VAL A 72 3.16 1.33 -8.02
CA VAL A 72 2.81 1.38 -9.47
C VAL A 72 3.98 0.79 -10.24
N ALA A 73 5.16 1.13 -9.81
CA ALA A 73 6.37 0.66 -10.52
C ALA A 73 7.58 0.74 -9.59
N TYR A 74 8.73 0.35 -10.08
CA TYR A 74 9.95 0.47 -9.23
C TYR A 74 11.19 0.59 -10.11
N ARG A 75 12.25 1.14 -9.56
CA ARG A 75 13.48 1.34 -10.37
C ARG A 75 14.60 0.42 -9.88
N THR A 76 15.21 -0.28 -10.80
CA THR A 76 16.34 -1.19 -10.44
C THR A 76 17.55 -0.75 -11.26
N ARG A 77 18.72 -0.72 -10.67
CA ARG A 77 19.89 -0.26 -11.44
C ARG A 77 19.53 1.02 -12.19
N ASP A 78 19.68 1.03 -13.48
CA ASP A 78 19.34 2.24 -14.29
C ASP A 78 18.08 1.97 -15.11
N VAL A 79 17.32 0.98 -14.74
CA VAL A 79 16.09 0.64 -15.53
C VAL A 79 14.87 0.65 -14.62
N SER A 80 13.81 1.28 -15.05
CA SER A 80 12.58 1.30 -14.21
C SER A 80 11.40 0.79 -15.05
N TYR A 81 10.58 -0.06 -14.48
CA TYR A 81 9.44 -0.57 -15.28
C TYR A 81 8.12 -0.44 -14.51
N PHE A 82 7.04 -0.32 -15.26
CA PHE A 82 5.68 -0.12 -14.67
C PHE A 82 4.64 -0.95 -15.42
N PHE A 83 3.44 -1.02 -14.89
CA PHE A 83 2.35 -1.80 -15.55
C PHE A 83 1.64 -0.91 -16.58
N LYS A 84 0.44 -1.25 -16.96
CA LYS A 84 -0.30 -0.43 -17.96
C LYS A 84 -1.67 -0.02 -17.42
N GLU A 85 -2.38 0.79 -18.18
CA GLU A 85 -3.76 1.26 -17.79
C GLU A 85 -3.74 2.31 -16.67
N SER A 86 -2.62 2.59 -16.06
CA SER A 86 -2.62 3.63 -14.98
C SER A 86 -1.19 4.12 -14.69
N PRO A 87 -0.31 3.23 -14.32
CA PRO A 87 1.11 3.60 -14.07
C PRO A 87 1.82 4.43 -15.16
N PRO A 88 1.51 4.29 -16.45
CA PRO A 88 2.24 5.11 -17.44
C PRO A 88 2.29 6.59 -17.07
N GLU A 89 1.25 7.15 -16.54
CA GLU A 89 1.35 8.58 -16.15
C GLU A 89 2.67 8.74 -15.39
N ALA A 90 3.25 7.64 -15.00
CA ALA A 90 4.54 7.69 -14.27
C ALA A 90 5.58 8.37 -15.17
N TYR A 91 5.56 8.08 -16.45
CA TYR A 91 6.53 8.72 -17.38
C TYR A 91 6.59 10.20 -17.05
N ASN A 92 5.49 10.75 -16.66
CA ASN A 92 5.42 12.20 -16.35
C ASN A 92 6.23 12.57 -15.10
N ILE A 93 6.05 11.90 -14.00
CA ILE A 93 6.80 12.30 -12.76
C ILE A 93 7.83 11.27 -12.27
N LEU A 94 7.48 10.01 -12.23
CA LEU A 94 8.45 9.01 -11.67
C LEU A 94 9.85 9.14 -12.28
N PHE A 95 10.31 8.12 -12.94
CA PHE A 95 11.69 8.16 -13.50
C PHE A 95 11.86 9.32 -14.49
N LYS A 96 12.97 9.99 -14.44
CA LYS A 96 13.24 11.11 -15.37
C LYS A 96 14.65 10.98 -15.95
N GLY A 97 14.83 10.12 -16.91
CA GLY A 97 16.19 9.94 -17.50
C GLY A 97 16.55 8.45 -17.58
N THR A 98 16.34 7.73 -16.51
CA THR A 98 16.66 6.28 -16.51
C THR A 98 15.84 5.57 -17.61
N ARG A 99 16.24 4.39 -17.99
CA ARG A 99 15.48 3.68 -19.06
C ARG A 99 14.05 3.41 -18.59
N LYS A 100 13.19 3.06 -19.50
CA LYS A 100 11.77 2.83 -19.14
C LYS A 100 11.19 1.62 -19.87
N ILE A 101 10.57 0.73 -19.16
CA ILE A 101 9.96 -0.47 -19.81
C ILE A 101 8.65 -0.82 -19.11
N THR A 102 7.56 -0.88 -19.82
CA THR A 102 6.27 -1.24 -19.17
C THR A 102 5.88 -2.65 -19.57
N LEU A 103 5.70 -3.53 -18.61
CA LEU A 103 5.33 -4.93 -18.95
C LEU A 103 3.90 -4.96 -19.49
N PRO A 104 3.61 -5.85 -20.41
CA PRO A 104 2.23 -5.95 -20.97
C PRO A 104 1.19 -6.22 -19.88
N TYR A 105 1.63 -6.37 -18.66
CA TYR A 105 0.68 -6.64 -17.54
C TYR A 105 0.10 -5.32 -17.04
N THR A 106 -1.10 -5.35 -16.55
CA THR A 106 -1.73 -4.11 -16.01
C THR A 106 -1.50 -4.05 -14.51
N GLY A 107 -1.52 -2.88 -13.93
CA GLY A 107 -1.31 -2.78 -12.46
C GLY A 107 -2.45 -3.50 -11.74
N ASN A 108 -2.71 -4.72 -12.10
CA ASN A 108 -3.81 -5.48 -11.45
C ASN A 108 -3.30 -6.82 -10.91
N TYR A 109 -3.84 -7.28 -9.82
CA TYR A 109 -3.40 -8.56 -9.24
C TYR A 109 -3.76 -9.72 -10.18
N GLU A 110 -4.91 -9.66 -10.79
CA GLU A 110 -5.32 -10.78 -11.71
C GLU A 110 -4.30 -10.91 -12.85
N ASN A 111 -3.88 -9.82 -13.43
CA ASN A 111 -2.88 -9.93 -14.52
C ASN A 111 -1.62 -10.59 -14.00
N LEU A 112 -1.14 -10.16 -12.87
CA LEU A 112 0.08 -10.79 -12.28
C LEU A 112 -0.24 -12.19 -11.81
N GLN A 113 -1.44 -12.41 -11.31
CA GLN A 113 -1.82 -13.76 -10.84
C GLN A 113 -1.72 -14.76 -11.99
N THR A 114 -2.17 -14.37 -13.15
CA THR A 114 -2.10 -15.29 -14.32
C THR A 114 -0.65 -15.53 -14.71
N ALA A 115 0.12 -14.49 -14.86
CA ALA A 115 1.55 -14.64 -15.24
C ALA A 115 2.28 -15.47 -14.19
N ALA A 116 2.07 -15.19 -12.93
CA ALA A 116 2.76 -15.97 -11.87
C ALA A 116 2.05 -17.30 -11.65
N HIS A 117 0.86 -17.44 -12.16
CA HIS A 117 0.12 -18.71 -11.97
C HIS A 117 0.15 -19.10 -10.49
N LYS A 118 0.02 -18.13 -9.62
CA LYS A 118 0.04 -18.43 -8.16
C LYS A 118 -0.90 -17.50 -7.41
N ILE A 119 -1.08 -17.74 -6.16
CA ILE A 119 -1.96 -16.87 -5.33
C ILE A 119 -1.14 -16.32 -4.17
N ARG A 120 -1.59 -15.26 -3.55
CA ARG A 120 -0.83 -14.71 -2.42
C ARG A 120 -0.73 -15.79 -1.34
N GLU A 121 -1.73 -16.60 -1.23
CA GLU A 121 -1.71 -17.69 -0.21
C GLU A 121 -0.51 -18.62 -0.48
N ASN A 122 -0.10 -18.75 -1.72
CA ASN A 122 1.04 -19.65 -2.04
C ASN A 122 2.34 -18.85 -2.21
N ILE A 123 2.35 -17.59 -1.88
CA ILE A 123 3.60 -16.79 -2.04
C ILE A 123 4.30 -16.66 -0.67
N ASP A 124 5.59 -16.82 -0.63
CA ASP A 124 6.33 -16.71 0.66
C ASP A 124 6.35 -15.26 1.16
N LEU A 125 6.50 -15.06 2.44
CA LEU A 125 6.52 -13.66 2.98
C LEU A 125 7.47 -13.59 4.18
N GLY A 126 7.84 -12.41 4.59
CA GLY A 126 8.75 -12.25 5.76
C GLY A 126 9.89 -11.31 5.39
N LEU A 127 10.43 -10.62 6.37
CA LEU A 127 11.54 -9.68 6.06
C LEU A 127 12.52 -10.34 5.07
N PRO A 128 13.11 -11.46 5.42
CA PRO A 128 14.03 -12.14 4.47
C PRO A 128 13.37 -12.34 3.10
N ALA A 129 12.09 -12.58 3.07
CA ALA A 129 11.38 -12.75 1.78
C ALA A 129 11.55 -11.45 0.98
N LEU A 130 11.59 -10.34 1.68
CA LEU A 130 11.78 -9.04 0.99
C LEU A 130 13.11 -9.10 0.24
N SER A 131 14.11 -9.67 0.85
CA SER A 131 15.44 -9.77 0.17
C SER A 131 15.21 -10.43 -1.17
N SER A 132 14.41 -11.47 -1.19
CA SER A 132 14.11 -12.15 -2.47
C SER A 132 13.47 -11.14 -3.42
N ALA A 133 12.61 -10.30 -2.90
CA ALA A 133 11.93 -9.29 -3.76
C ALA A 133 12.99 -8.34 -4.33
N ILE A 134 13.70 -7.64 -3.47
CA ILE A 134 14.75 -6.71 -3.97
C ILE A 134 15.78 -7.50 -4.78
N THR A 135 16.18 -8.63 -4.27
CA THR A 135 17.18 -9.47 -4.99
C THR A 135 16.64 -9.94 -6.33
N THR A 136 15.45 -10.46 -6.36
CA THR A 136 14.88 -10.96 -7.65
C THR A 136 14.74 -9.83 -8.66
N LEU A 137 14.29 -8.68 -8.24
CA LEU A 137 14.13 -7.56 -9.21
C LEU A 137 15.49 -7.22 -9.83
N PHE A 138 16.54 -7.23 -9.06
CA PHE A 138 17.86 -6.94 -9.66
C PHE A 138 18.11 -7.99 -10.74
N TYR A 139 17.75 -9.21 -10.45
CA TYR A 139 17.90 -10.31 -11.44
C TYR A 139 16.53 -10.54 -12.06
N TYR A 140 15.89 -9.48 -12.48
CA TYR A 140 14.52 -9.57 -13.05
C TYR A 140 14.29 -10.91 -13.74
N ASN A 141 13.56 -11.78 -13.09
CA ASN A 141 13.25 -13.10 -13.70
C ASN A 141 11.81 -13.05 -14.21
N ALA A 142 11.63 -13.12 -15.50
CA ALA A 142 10.26 -13.04 -16.08
C ALA A 142 9.22 -13.71 -15.18
N GLN A 143 9.40 -14.95 -14.83
CA GLN A 143 8.38 -15.65 -14.00
C GLN A 143 8.32 -15.09 -12.56
N SER A 144 9.42 -15.07 -11.86
CA SER A 144 9.38 -14.56 -10.46
C SER A 144 9.14 -13.04 -10.43
N ALA A 145 9.75 -12.31 -11.32
CA ALA A 145 9.57 -10.82 -11.32
C ALA A 145 8.18 -10.46 -10.77
N PRO A 146 7.12 -10.89 -11.41
CA PRO A 146 5.75 -10.58 -10.92
C PRO A 146 5.56 -10.95 -9.46
N SER A 147 5.94 -12.15 -9.09
CA SER A 147 5.78 -12.58 -7.67
C SER A 147 6.76 -11.81 -6.77
N ALA A 148 7.85 -11.34 -7.32
CA ALA A 148 8.84 -10.59 -6.48
C ALA A 148 8.22 -9.28 -6.01
N LEU A 149 7.85 -8.44 -6.93
CA LEU A 149 7.26 -7.13 -6.54
C LEU A 149 5.98 -7.36 -5.73
N LEU A 150 5.23 -8.39 -6.03
CA LEU A 150 3.99 -8.64 -5.25
C LEU A 150 4.37 -8.82 -3.78
N VAL A 151 5.45 -9.49 -3.50
CA VAL A 151 5.86 -9.65 -2.09
C VAL A 151 6.14 -8.25 -1.54
N LEU A 152 6.78 -7.43 -2.33
CA LEU A 152 7.09 -6.05 -1.89
C LEU A 152 5.78 -5.32 -1.57
N ILE A 153 4.79 -5.47 -2.41
CA ILE A 153 3.49 -4.78 -2.16
C ILE A 153 2.93 -5.25 -0.81
N GLN A 154 2.94 -6.52 -0.57
CA GLN A 154 2.40 -7.04 0.72
C GLN A 154 3.29 -6.59 1.88
N THR A 155 4.59 -6.61 1.70
CA THR A 155 5.49 -6.23 2.82
C THR A 155 5.62 -4.71 2.98
N THR A 156 5.55 -3.94 1.93
CA THR A 156 5.71 -2.46 2.11
C THR A 156 4.37 -1.74 1.98
N ALA A 157 3.72 -1.84 0.85
CA ALA A 157 2.43 -1.13 0.66
C ALA A 157 1.37 -1.63 1.66
N GLU A 158 1.14 -2.91 1.71
CA GLU A 158 0.09 -3.44 2.64
C GLU A 158 0.51 -3.23 4.09
N ALA A 159 1.76 -3.43 4.39
CA ALA A 159 2.22 -3.26 5.80
C ALA A 159 1.84 -1.87 6.30
N ALA A 160 2.01 -0.87 5.47
CA ALA A 160 1.65 0.51 5.91
C ALA A 160 0.13 0.63 6.02
N ARG A 161 -0.60 -0.04 5.16
CA ARG A 161 -2.08 0.06 5.20
C ARG A 161 -2.63 -0.42 6.56
N PHE A 162 -2.08 -1.46 7.11
CA PHE A 162 -2.60 -1.98 8.41
C PHE A 162 -1.45 -2.33 9.36
N LYS A 163 -1.58 -1.97 10.61
CA LYS A 163 -0.51 -2.35 11.57
C LYS A 163 -0.57 -3.86 11.78
N TYR A 164 -1.74 -4.43 11.64
CA TYR A 164 -1.89 -5.90 11.81
C TYR A 164 -0.99 -6.62 10.80
N ILE A 165 -1.08 -6.27 9.55
CA ILE A 165 -0.21 -6.92 8.54
C ILE A 165 1.24 -6.62 8.91
N GLU A 166 1.50 -5.43 9.33
CA GLU A 166 2.88 -5.03 9.73
C GLU A 166 3.35 -5.93 10.88
N ARG A 167 2.49 -6.21 11.82
CA ARG A 167 2.88 -7.07 12.96
C ARG A 167 3.28 -8.46 12.46
N HIS A 168 2.43 -9.11 11.72
CA HIS A 168 2.79 -10.47 11.22
C HIS A 168 4.06 -10.40 10.36
N VAL A 169 4.19 -9.41 9.54
CA VAL A 169 5.42 -9.31 8.69
C VAL A 169 6.61 -8.97 9.59
N ALA A 170 6.42 -8.11 10.54
CA ALA A 170 7.55 -7.72 11.45
C ALA A 170 7.94 -8.89 12.36
N LYS A 171 7.02 -9.75 12.69
CA LYS A 171 7.37 -10.89 13.59
C LYS A 171 8.46 -11.75 12.93
N TYR A 172 8.40 -11.94 11.64
CA TYR A 172 9.43 -12.77 10.97
C TYR A 172 10.63 -11.88 10.59
N VAL A 173 11.75 -12.06 11.24
CA VAL A 173 12.94 -11.24 10.91
C VAL A 173 14.09 -12.14 10.45
N ALA A 174 13.83 -13.41 10.23
CA ALA A 174 14.92 -14.33 9.79
C ALA A 174 14.33 -15.50 9.00
N THR A 175 13.22 -16.04 9.45
CA THR A 175 12.62 -17.19 8.73
C THR A 175 11.63 -16.67 7.68
N ASN A 176 11.20 -17.52 6.78
CA ASN A 176 10.23 -17.10 5.74
C ASN A 176 8.94 -17.90 5.91
N PHE A 177 7.81 -17.25 5.96
CA PHE A 177 6.53 -17.99 6.14
C PHE A 177 5.48 -17.44 5.15
N LYS A 178 4.68 -18.31 4.60
CA LYS A 178 3.64 -17.85 3.63
C LYS A 178 2.57 -17.08 4.40
N PRO A 179 1.91 -16.13 3.76
CA PRO A 179 0.87 -15.33 4.44
C PRO A 179 -0.28 -16.21 4.95
N ASN A 180 -1.47 -15.68 4.98
CA ASN A 180 -2.62 -16.49 5.46
C ASN A 180 -3.91 -15.93 4.85
N LEU A 181 -4.96 -16.72 4.81
CA LEU A 181 -6.24 -16.23 4.24
C LEU A 181 -6.71 -15.01 5.03
N ALA A 182 -6.21 -14.83 6.21
CA ALA A 182 -6.64 -13.66 7.04
C ALA A 182 -6.33 -12.36 6.30
N ILE A 183 -5.14 -12.22 5.80
CA ILE A 183 -4.79 -10.97 5.07
C ILE A 183 -5.59 -10.87 3.78
N ILE A 184 -5.76 -11.97 3.09
CA ILE A 184 -6.51 -11.94 1.81
C ILE A 184 -7.90 -11.30 1.99
N SER A 185 -8.79 -11.94 2.72
CA SER A 185 -10.14 -11.34 2.91
C SER A 185 -10.00 -9.99 3.59
N LEU A 186 -9.12 -9.91 4.54
CA LEU A 186 -8.92 -8.63 5.26
C LEU A 186 -8.48 -7.55 4.27
N GLU A 187 -7.63 -7.89 3.33
CA GLU A 187 -7.15 -6.87 2.36
C GLU A 187 -8.32 -6.30 1.56
N ASN A 188 -9.17 -7.14 1.04
CA ASN A 188 -10.33 -6.64 0.24
C ASN A 188 -11.33 -5.93 1.16
N GLN A 189 -11.56 -6.47 2.33
CA GLN A 189 -12.53 -5.86 3.26
C GLN A 189 -12.02 -4.51 3.79
N TRP A 190 -10.75 -4.40 4.02
CA TRP A 190 -10.18 -3.11 4.54
C TRP A 190 -10.79 -1.93 3.78
N SER A 191 -10.85 -2.00 2.47
CA SER A 191 -11.40 -0.87 1.68
C SER A 191 -12.85 -0.60 2.09
N ALA A 192 -13.65 -1.63 2.20
CA ALA A 192 -15.08 -1.42 2.61
C ALA A 192 -15.13 -0.95 4.06
N LEU A 193 -14.31 -1.52 4.90
CA LEU A 193 -14.32 -1.13 6.33
C LEU A 193 -13.76 0.29 6.49
N SER A 194 -12.74 0.63 5.74
CA SER A 194 -12.13 1.99 5.86
C SER A 194 -13.19 3.07 5.55
N LYS A 195 -13.85 2.99 4.42
CA LYS A 195 -14.87 4.03 4.11
C LYS A 195 -15.94 4.00 5.20
N GLN A 196 -16.30 2.83 5.64
CA GLN A 196 -17.32 2.72 6.72
C GLN A 196 -16.74 3.35 7.99
N ILE A 197 -15.45 3.31 8.16
CA ILE A 197 -14.86 3.93 9.38
C ILE A 197 -15.22 5.41 9.40
N PHE A 198 -15.13 6.07 8.28
CA PHE A 198 -15.51 7.51 8.27
C PHE A 198 -16.96 7.57 8.71
N LEU A 199 -17.75 6.64 8.23
CA LEU A 199 -19.19 6.60 8.61
C LEU A 199 -19.31 6.27 10.11
N ALA A 200 -18.43 5.46 10.63
CA ALA A 200 -18.49 5.10 12.08
C ALA A 200 -18.57 6.39 12.92
N GLN A 201 -18.11 7.48 12.40
CA GLN A 201 -18.15 8.76 13.17
C GLN A 201 -19.60 9.12 13.51
N ASN A 202 -20.52 8.91 12.60
CA ASN A 202 -21.94 9.27 12.89
C ASN A 202 -22.73 8.02 13.32
N GLN A 203 -22.10 6.88 13.37
CA GLN A 203 -22.85 5.66 13.78
C GLN A 203 -22.59 5.38 15.25
N GLY A 204 -21.81 6.20 15.89
CA GLY A 204 -21.51 5.96 17.33
C GLY A 204 -20.62 4.72 17.44
N GLY A 205 -20.16 4.20 16.33
CA GLY A 205 -19.29 3.00 16.39
C GLY A 205 -19.92 1.84 15.60
N LYS A 206 -21.04 2.05 14.98
CA LYS A 206 -21.68 0.95 14.20
C LYS A 206 -21.53 1.21 12.70
N PHE A 207 -21.54 0.18 11.90
CA PHE A 207 -21.43 0.38 10.43
C PHE A 207 -22.81 0.22 9.81
N ARG A 208 -23.21 1.09 8.94
CA ARG A 208 -24.55 0.93 8.31
C ARG A 208 -24.54 -0.41 7.58
N ASN A 209 -23.46 -0.74 6.95
CA ASN A 209 -23.36 -2.05 6.25
C ASN A 209 -22.34 -2.91 7.00
N PRO A 210 -22.74 -4.02 7.57
CA PRO A 210 -21.78 -4.88 8.33
C PRO A 210 -20.61 -5.33 7.44
N VAL A 211 -19.51 -5.69 8.04
CA VAL A 211 -18.33 -6.11 7.24
C VAL A 211 -17.92 -7.55 7.58
N ASP A 212 -17.75 -8.37 6.58
CA ASP A 212 -17.35 -9.78 6.84
C ASP A 212 -15.89 -9.97 6.42
N LEU A 213 -15.03 -10.35 7.34
CA LEU A 213 -13.60 -10.54 6.99
C LEU A 213 -13.07 -11.81 7.65
N ILE A 214 -11.77 -11.94 7.77
CA ILE A 214 -11.23 -13.17 8.41
C ILE A 214 -10.22 -12.81 9.50
N LYS A 215 -10.41 -13.35 10.68
CA LYS A 215 -9.46 -13.07 11.79
C LYS A 215 -8.13 -13.77 11.53
N PRO A 216 -7.05 -13.23 12.02
CA PRO A 216 -5.70 -13.85 11.80
C PRO A 216 -5.64 -15.31 12.26
N THR A 217 -6.55 -15.72 13.10
CA THR A 217 -6.51 -17.14 13.57
C THR A 217 -6.67 -18.07 12.37
N GLY A 218 -7.51 -17.73 11.43
CA GLY A 218 -7.71 -18.59 10.24
C GLY A 218 -9.20 -18.93 10.10
N GLU A 219 -10.06 -18.12 10.67
CA GLU A 219 -11.51 -18.39 10.58
C GLU A 219 -12.24 -17.14 10.09
N ARG A 220 -13.45 -17.30 9.59
CA ARG A 220 -14.20 -16.11 9.09
C ARG A 220 -15.12 -15.59 10.19
N PHE A 221 -15.11 -14.31 10.44
CA PHE A 221 -16.00 -13.74 11.48
C PHE A 221 -16.66 -12.46 10.96
N GLN A 222 -17.75 -12.08 11.55
CA GLN A 222 -18.47 -10.86 11.09
C GLN A 222 -18.14 -9.68 12.00
N VAL A 223 -17.76 -8.57 11.43
CA VAL A 223 -17.45 -7.36 12.24
C VAL A 223 -18.41 -6.25 11.82
N THR A 224 -19.06 -5.61 12.76
CA THR A 224 -20.04 -4.55 12.37
C THR A 224 -19.80 -3.26 13.15
N ASN A 225 -18.85 -3.23 14.05
CA ASN A 225 -18.63 -1.97 14.82
C ASN A 225 -17.15 -1.80 15.19
N VAL A 226 -16.82 -0.69 15.77
CA VAL A 226 -15.40 -0.43 16.17
C VAL A 226 -14.99 -1.43 17.25
N ASP A 227 -15.93 -1.97 17.97
CA ASP A 227 -15.61 -2.95 19.04
C ASP A 227 -14.68 -4.02 18.46
N SER A 228 -14.80 -4.28 17.19
CA SER A 228 -13.95 -5.31 16.55
C SER A 228 -12.47 -4.97 16.73
N ASP A 229 -11.62 -5.95 16.62
CA ASP A 229 -10.16 -5.72 16.79
C ASP A 229 -9.60 -4.89 15.64
N VAL A 230 -10.14 -5.04 14.47
CA VAL A 230 -9.61 -4.30 13.29
C VAL A 230 -9.69 -2.78 13.50
N VAL A 231 -10.79 -2.29 13.99
CA VAL A 231 -10.91 -0.81 14.19
C VAL A 231 -10.01 -0.36 15.34
N LYS A 232 -9.61 -1.25 16.21
CA LYS A 232 -8.74 -0.83 17.34
C LYS A 232 -7.43 -0.26 16.81
N GLY A 233 -6.39 -0.29 17.60
CA GLY A 233 -5.07 0.27 17.15
C GLY A 233 -4.59 -0.47 15.90
N ASN A 234 -5.43 -1.27 15.29
CA ASN A 234 -4.99 -2.00 14.07
C ASN A 234 -5.16 -1.11 12.83
N ILE A 235 -5.98 -0.11 12.91
CA ILE A 235 -6.19 0.78 11.73
C ILE A 235 -5.47 2.11 11.94
N LYS A 236 -4.55 2.43 11.06
CA LYS A 236 -3.82 3.72 11.20
C LYS A 236 -4.33 4.67 10.13
N LEU A 237 -3.72 4.65 8.98
CA LEU A 237 -4.21 5.55 7.91
C LEU A 237 -5.36 4.89 7.17
N LEU A 238 -6.30 5.65 6.70
CA LEU A 238 -7.45 5.03 6.01
C LEU A 238 -7.67 5.65 4.62
N LEU A 239 -8.24 4.88 3.74
CA LEU A 239 -8.52 5.37 2.36
C LEU A 239 -9.86 6.08 2.38
N ASN A 240 -9.86 7.37 2.16
CA ASN A 240 -11.14 8.12 2.18
C ASN A 240 -11.96 7.72 0.96
N SER A 241 -11.32 7.47 -0.15
CA SER A 241 -12.08 7.13 -1.36
C SER A 241 -13.27 8.08 -1.44
N ARG A 242 -13.07 9.28 -0.99
CA ARG A 242 -14.17 10.28 -1.02
C ARG A 242 -14.03 11.16 -2.26
N ALA A 243 -15.00 11.11 -3.12
CA ALA A 243 -14.93 11.94 -4.35
C ALA A 243 -16.28 11.88 -5.06
N SER A 244 -17.26 11.26 -4.43
CA SER A 244 -18.60 11.18 -5.07
C SER A 244 -19.09 12.60 -5.29
N THR A 245 -18.81 13.47 -4.36
CA THR A 245 -19.22 14.89 -4.53
C THR A 245 -18.42 15.47 -5.69
N ALA A 246 -17.32 14.85 -6.03
CA ALA A 246 -16.50 15.32 -7.17
C ALA A 246 -17.32 15.17 -8.44
N ASP A 247 -18.48 14.58 -8.33
CA ASP A 247 -19.33 14.39 -9.54
C ASP A 247 -19.66 15.77 -10.10
N GLU A 248 -19.91 16.72 -9.24
CA GLU A 248 -20.20 18.09 -9.73
C GLU A 248 -18.92 18.66 -10.31
N ASN A 249 -17.81 18.02 -10.05
CA ASN A 249 -16.53 18.53 -10.57
C ASN A 249 -16.42 20.01 -10.24
N PHE A 250 -16.94 20.40 -9.09
CA PHE A 250 -16.86 21.83 -8.69
C PHE A 250 -16.31 21.96 -7.28
N ILE A 251 -16.99 21.49 -6.25
CA ILE A 251 -16.37 21.62 -4.89
C ILE A 251 -14.90 21.26 -5.09
N THR A 252 -14.67 20.56 -6.17
CA THR A 252 -13.31 20.22 -6.62
C THR A 252 -13.19 20.85 -8.01
N THR A 253 -12.02 21.23 -8.43
CA THR A 253 -11.87 21.88 -9.77
C THR A 253 -12.47 23.30 -9.74
N MET A 254 -13.25 23.62 -8.73
CA MET A 254 -13.79 25.01 -8.61
C MET A 254 -13.21 25.63 -7.35
N THR A 255 -12.38 24.89 -6.66
CA THR A 255 -11.73 25.44 -5.45
C THR A 255 -11.37 26.86 -5.75
N LEU A 256 -11.27 27.14 -7.01
CA LEU A 256 -10.88 28.47 -7.50
C LEU A 256 -10.38 29.34 -6.36
N LEU A 257 -9.10 29.58 -6.38
CA LEU A 257 -8.44 30.43 -5.34
C LEU A 257 -9.42 31.53 -4.89
N GLY A 258 -10.48 31.75 -5.63
CA GLY A 258 -11.46 32.79 -5.23
C GLY A 258 -11.74 32.65 -3.73
N GLU A 259 -11.74 31.45 -3.21
CA GLU A 259 -11.98 31.29 -1.75
C GLU A 259 -11.10 32.32 -1.06
N SER A 260 -11.29 32.61 0.20
CA SER A 260 -10.45 33.66 0.81
C SER A 260 -10.57 34.86 -0.12
N VAL A 261 -11.79 35.11 -0.54
CA VAL A 261 -12.10 36.20 -1.50
C VAL A 261 -11.35 37.50 -1.18
N VAL A 262 -11.40 37.96 0.03
CA VAL A 262 -10.73 39.24 0.41
C VAL A 262 -9.63 39.59 -0.62
N ASN A 263 -8.42 39.15 -0.41
CA ASN A 263 -7.31 39.46 -1.36
C ASN A 263 -5.98 39.11 -0.70
#